data_9I2Y
#
_entry.id   9I2Y
#
_cell.length_a   90.384
_cell.length_b   90.384
_cell.length_c   122.511
_cell.angle_alpha   90.00
_cell.angle_beta   90.00
_cell.angle_gamma   120.00
#
_symmetry.space_group_name_H-M   'P 32 2 1'
#
loop_
_entity.id
_entity.type
_entity.pdbx_description
1 polymer 'Dihydroorotate dehydrogenase (quinone), mitochondrial'
2 non-polymer 'SULFATE ION'
3 non-polymer '3-[({(1R)-6-[methyl(phenyl)amino]-1,2,3,4-tetrahydronaphthalen-1-yl}methyl)amino]pyridine-4-carboxylic acid'
4 non-polymer 'ACETATE ION'
5 non-polymer 'OROTIC ACID'
6 non-polymer 'FLAVIN MONONUCLEOTIDE'
7 water water
#
_entity_poly.entity_id   1
_entity_poly.type   'polypeptide(L)'
_entity_poly.pdbx_seq_one_letter_code
;AMTGDERFYAEHLMPTLQGLLDPESAHRLAVRFTSLGLLPRARFQDSDMLEVRVLGHKFRNPVGIAAGFDKHGEAVDGLY
KMGFGFVEIGSVTPKPQEGNPRPRVFRLPEDQAVINRYGFNSHGLSVVEHRLRARQQKQAKLTEDGLPLGVNLGKNKTSV
DAAEDYAEGVRVLGPLADYLVVNVSSPNTAGLRSLQGKAELRRLLTKVLQERDGLRRVHRPAVLVKIAPDLTSQDKEDIA
SVVKELGIDGLIVTNTTVSRPAGLQGALRSETGGLSGKPLRDLSTQTIREMYALTQGRVPIIGVGGVSSGQDALEKIRAG
ASLVQLYTALTFWGPPVVGKVKRELEALLKEQGFGGVTDAIGADHRR
;
_entity_poly.pdbx_strand_id   A
#
loop_
_chem_comp.id
_chem_comp.type
_chem_comp.name
_chem_comp.formula
9DJ non-polymer '3-[({(1R)-6-[methyl(phenyl)amino]-1,2,3,4-tetrahydronaphthalen-1-yl}methyl)amino]pyridine-4-carboxylic acid' 'C24 H25 N3 O2'
ACT non-polymer 'ACETATE ION' 'C2 H3 O2 -1'
FMN non-polymer 'FLAVIN MONONUCLEOTIDE' 'C17 H21 N4 O9 P'
ORO non-polymer 'OROTIC ACID' 'C5 H4 N2 O4'
SO4 non-polymer 'SULFATE ION' 'O4 S -2'
#
# COMPACT_ATOMS: atom_id res chain seq x y z
N THR A 3 -23.24 -7.99 6.56
CA THR A 3 -23.66 -8.78 5.37
C THR A 3 -23.50 -10.26 5.70
N GLY A 4 -24.12 -11.13 4.90
CA GLY A 4 -23.99 -12.58 5.11
C GLY A 4 -22.62 -13.03 4.68
N ASP A 5 -22.17 -12.51 3.54
CA ASP A 5 -20.81 -12.84 3.04
C ASP A 5 -19.78 -12.47 4.11
N GLU A 6 -19.84 -11.26 4.68
CA GLU A 6 -18.75 -10.90 5.59
C GLU A 6 -18.60 -11.98 6.66
N ARG A 7 -19.72 -12.29 7.34
CA ARG A 7 -19.72 -13.23 8.45
C ARG A 7 -19.27 -14.61 7.97
N PHE A 8 -19.80 -15.07 6.82
CA PHE A 8 -19.53 -16.41 6.32
C PHE A 8 -18.05 -16.55 5.93
N TYR A 9 -17.53 -15.54 5.25
CA TYR A 9 -16.12 -15.53 4.86
C TYR A 9 -15.24 -15.54 6.12
N ALA A 10 -15.55 -14.64 7.06
CA ALA A 10 -14.70 -14.40 8.21
C ALA A 10 -14.75 -15.58 9.20
N GLU A 11 -15.90 -16.26 9.29
CA GLU A 11 -16.11 -17.28 10.31
C GLU A 11 -15.85 -18.68 9.75
N HIS A 12 -16.02 -18.90 8.44
CA HIS A 12 -16.02 -20.26 7.89
C HIS A 12 -15.07 -20.41 6.72
N LEU A 13 -15.26 -19.64 5.64
CA LEU A 13 -14.57 -19.93 4.40
C LEU A 13 -13.08 -19.63 4.55
N MET A 14 -12.77 -18.43 5.05
CA MET A 14 -11.39 -17.99 5.10
C MET A 14 -10.61 -18.86 6.09
N PRO A 15 -11.08 -19.08 7.35
CA PRO A 15 -10.40 -20.03 8.25
C PRO A 15 -10.12 -21.40 7.66
N THR A 16 -11.04 -21.91 6.82
CA THR A 16 -10.88 -23.24 6.22
C THR A 16 -9.77 -23.19 5.18
N LEU A 17 -9.79 -22.15 4.33
CA LEU A 17 -8.76 -21.98 3.31
C LEU A 17 -7.37 -21.83 3.97
N GLN A 18 -7.27 -21.00 5.00
CA GLN A 18 -6.01 -20.84 5.71
C GLN A 18 -5.60 -22.13 6.42
N GLY A 19 -6.57 -22.90 6.93
CA GLY A 19 -6.27 -24.17 7.57
C GLY A 19 -5.69 -25.21 6.62
N LEU A 20 -5.94 -25.08 5.31
CA LEU A 20 -5.52 -26.05 4.32
C LEU A 20 -4.18 -25.69 3.69
N LEU A 21 -3.85 -24.40 3.65
CA LEU A 21 -2.78 -23.91 2.80
C LEU A 21 -1.77 -23.14 3.63
N ASP A 22 -0.48 -23.41 3.40
CA ASP A 22 0.56 -22.60 3.99
C ASP A 22 0.39 -21.17 3.47
N PRO A 23 0.90 -20.14 4.17
CA PRO A 23 0.65 -18.76 3.78
C PRO A 23 1.10 -18.39 2.36
N GLU A 24 2.24 -18.90 1.88
CA GLU A 24 2.70 -18.53 0.55
C GLU A 24 1.81 -19.18 -0.51
N SER A 25 1.46 -20.46 -0.32
CA SER A 25 0.52 -21.13 -1.21
C SER A 25 -0.80 -20.36 -1.24
N ALA A 26 -1.27 -19.91 -0.08
CA ALA A 26 -2.52 -19.20 0.06
C ALA A 26 -2.46 -17.89 -0.74
N HIS A 27 -1.33 -17.18 -0.59
CA HIS A 27 -1.07 -15.97 -1.33
C HIS A 27 -1.21 -16.23 -2.85
N ARG A 28 -0.51 -17.23 -3.35
CA ARG A 28 -0.53 -17.57 -4.77
C ARG A 28 -1.96 -17.87 -5.23
N LEU A 29 -2.70 -18.67 -4.44
CA LEU A 29 -4.07 -19.01 -4.79
C LEU A 29 -4.94 -17.75 -4.88
N ALA A 30 -4.77 -16.83 -3.93
CA ALA A 30 -5.53 -15.60 -3.88
C ALA A 30 -5.25 -14.73 -5.09
N VAL A 31 -3.98 -14.59 -5.47
CA VAL A 31 -3.60 -13.86 -6.67
C VAL A 31 -4.27 -14.49 -7.90
N ARG A 32 -4.21 -15.81 -8.00
CA ARG A 32 -4.72 -16.50 -9.17
C ARG A 32 -6.24 -16.30 -9.29
N PHE A 33 -6.96 -16.48 -8.18
CA PHE A 33 -8.40 -16.27 -8.15
C PHE A 33 -8.77 -14.82 -8.49
N THR A 34 -8.06 -13.86 -7.89
CA THR A 34 -8.34 -12.46 -8.14
C THR A 34 -8.12 -12.14 -9.62
N SER A 35 -7.03 -12.66 -10.20
CA SER A 35 -6.68 -12.34 -11.58
C SER A 35 -7.75 -12.83 -12.55
N LEU A 36 -8.42 -13.94 -12.21
CA LEU A 36 -9.46 -14.52 -13.05
C LEU A 36 -10.84 -13.94 -12.71
N GLY A 37 -10.92 -12.98 -11.78
CA GLY A 37 -12.18 -12.36 -11.39
C GLY A 37 -13.15 -13.31 -10.65
N LEU A 38 -12.62 -14.37 -10.04
CA LEU A 38 -13.46 -15.32 -9.30
C LEU A 38 -13.66 -14.78 -7.88
N LEU A 39 -14.62 -13.85 -7.75
CA LEU A 39 -14.75 -12.98 -6.59
C LEU A 39 -16.22 -12.80 -6.29
N PRO A 40 -16.63 -12.61 -5.01
CA PRO A 40 -18.02 -12.26 -4.69
C PRO A 40 -18.39 -10.88 -5.26
N ARG A 41 -19.69 -10.68 -5.50
CA ARG A 41 -20.21 -9.50 -6.18
C ARG A 41 -20.18 -8.30 -5.23
N ALA A 42 -19.34 -7.30 -5.53
CA ALA A 42 -19.14 -6.15 -4.65
C ALA A 42 -20.27 -5.14 -4.85
N ARG A 43 -21.33 -5.27 -4.04
CA ARG A 43 -22.58 -4.54 -4.25
C ARG A 43 -22.57 -3.18 -3.54
N PHE A 44 -21.58 -2.91 -2.66
CA PHE A 44 -21.43 -1.58 -2.07
C PHE A 44 -21.08 -0.57 -3.17
N GLN A 45 -22.00 0.37 -3.44
CA GLN A 45 -21.74 1.43 -4.40
C GLN A 45 -21.18 2.63 -3.65
N ASP A 46 -20.08 3.18 -4.17
CA ASP A 46 -19.30 4.18 -3.44
C ASP A 46 -20.08 5.50 -3.46
N SER A 47 -20.28 6.10 -2.28
CA SER A 47 -20.92 7.41 -2.23
C SER A 47 -19.90 8.50 -2.49
N ASP A 48 -20.41 9.69 -2.78
CA ASP A 48 -19.62 10.90 -3.00
C ASP A 48 -18.78 11.26 -1.79
N MET A 49 -19.24 10.88 -0.58
CA MET A 49 -18.52 11.16 0.65
C MET A 49 -17.12 10.53 0.63
N LEU A 50 -16.94 9.47 -0.15
CA LEU A 50 -15.71 8.70 -0.08
C LEU A 50 -14.70 9.17 -1.12
N GLU A 51 -15.12 10.09 -1.99
CA GLU A 51 -14.25 10.58 -3.04
C GLU A 51 -13.16 11.47 -2.48
N VAL A 52 -11.94 11.29 -2.98
CA VAL A 52 -10.80 12.10 -2.60
C VAL A 52 -10.07 12.55 -3.87
N ARG A 53 -9.65 13.83 -3.89
CA ARG A 53 -8.81 14.34 -4.97
C ARG A 53 -7.42 14.67 -4.41
N VAL A 54 -6.41 13.92 -4.84
CA VAL A 54 -5.06 14.09 -4.34
C VAL A 54 -4.11 13.50 -5.38
N LEU A 55 -2.83 13.93 -5.35
CA LEU A 55 -1.76 13.38 -6.20
C LEU A 55 -2.09 13.58 -7.67
N GLY A 56 -2.93 14.57 -7.99
CA GLY A 56 -3.29 14.90 -9.36
C GLY A 56 -4.41 14.00 -9.90
N HIS A 57 -5.08 13.24 -9.03
CA HIS A 57 -6.06 12.26 -9.47
C HIS A 57 -7.30 12.28 -8.59
N LYS A 58 -8.38 11.72 -9.15
CA LYS A 58 -9.59 11.41 -8.42
C LYS A 58 -9.52 9.95 -7.95
N PHE A 59 -9.87 9.75 -6.69
CA PHE A 59 -10.01 8.42 -6.11
C PHE A 59 -11.47 8.28 -5.66
N ARG A 60 -12.19 7.36 -6.28
CA ARG A 60 -13.60 7.13 -6.04
C ARG A 60 -13.83 6.72 -4.58
N ASN A 61 -12.90 5.97 -3.99
CA ASN A 61 -12.91 5.73 -2.57
C ASN A 61 -11.47 5.69 -2.10
N PRO A 62 -11.22 5.84 -0.78
CA PRO A 62 -9.86 5.98 -0.26
C PRO A 62 -9.18 4.70 0.22
N VAL A 63 -9.71 3.54 -0.16
CA VAL A 63 -9.23 2.26 0.35
C VAL A 63 -8.56 1.50 -0.78
N GLY A 64 -7.22 1.39 -0.69
CA GLY A 64 -6.41 0.74 -1.70
C GLY A 64 -5.85 -0.58 -1.21
N ILE A 65 -5.44 -1.43 -2.16
CA ILE A 65 -4.63 -2.61 -1.86
C ILE A 65 -3.15 -2.20 -1.77
N ALA A 66 -2.51 -2.57 -0.66
CA ALA A 66 -1.10 -2.28 -0.44
C ALA A 66 -0.21 -3.13 -1.34
N ALA A 67 0.98 -2.59 -1.61
CA ALA A 67 2.04 -3.32 -2.27
C ALA A 67 2.25 -4.65 -1.57
N GLY A 68 2.66 -5.64 -2.38
CA GLY A 68 3.06 -6.94 -1.89
C GLY A 68 2.04 -8.02 -2.25
N PHE A 69 0.76 -7.65 -2.31
CA PHE A 69 -0.26 -8.62 -2.67
C PHE A 69 -0.06 -9.04 -4.12
N ASP A 70 -0.06 -8.03 -4.99
CA ASP A 70 0.15 -8.21 -6.42
C ASP A 70 1.51 -7.62 -6.82
N LYS A 71 2.56 -8.38 -6.55
CA LYS A 71 3.93 -7.93 -6.75
C LYS A 71 4.25 -7.77 -8.24
N HIS A 72 3.64 -8.60 -9.11
CA HIS A 72 4.03 -8.64 -10.51
C HIS A 72 2.96 -8.08 -11.46
N GLY A 73 1.92 -7.43 -10.94
CA GLY A 73 0.88 -6.80 -11.74
C GLY A 73 -0.01 -7.79 -12.48
N GLU A 74 -0.36 -8.90 -11.83
CA GLU A 74 -1.13 -9.97 -12.45
C GLU A 74 -2.63 -9.87 -12.18
N ALA A 75 -3.04 -9.04 -11.21
CA ALA A 75 -4.39 -9.16 -10.68
C ALA A 75 -5.07 -7.79 -10.55
N VAL A 76 -4.64 -6.82 -11.35
CA VAL A 76 -5.05 -5.44 -11.14
C VAL A 76 -6.57 -5.29 -11.34
N ASP A 77 -7.10 -5.82 -12.44
CA ASP A 77 -8.51 -5.67 -12.73
C ASP A 77 -9.38 -6.37 -11.68
N GLY A 78 -8.97 -7.57 -11.23
CA GLY A 78 -9.72 -8.26 -10.18
C GLY A 78 -9.72 -7.47 -8.87
N LEU A 79 -8.64 -6.74 -8.59
CA LEU A 79 -8.58 -5.93 -7.38
C LEU A 79 -9.54 -4.75 -7.46
N TYR A 80 -9.68 -4.12 -8.64
CA TYR A 80 -10.71 -3.09 -8.80
C TYR A 80 -12.10 -3.71 -8.62
N LYS A 81 -12.32 -4.91 -9.17
CA LYS A 81 -13.60 -5.59 -9.03
C LYS A 81 -13.95 -5.88 -7.57
N MET A 82 -12.93 -6.13 -6.75
CA MET A 82 -13.10 -6.33 -5.32
C MET A 82 -13.59 -5.06 -4.62
N GLY A 83 -13.39 -3.88 -5.22
CA GLY A 83 -13.97 -2.63 -4.72
C GLY A 83 -12.91 -1.65 -4.21
N PHE A 84 -11.61 -1.97 -4.39
CA PHE A 84 -10.54 -1.04 -4.04
C PHE A 84 -10.63 0.22 -4.89
N GLY A 85 -10.39 1.38 -4.27
CA GLY A 85 -10.44 2.67 -4.93
C GLY A 85 -9.15 2.93 -5.71
N PHE A 86 -8.09 2.19 -5.37
CA PHE A 86 -6.85 2.25 -6.12
C PHE A 86 -6.04 1.00 -5.82
N VAL A 87 -5.11 0.73 -6.74
CA VAL A 87 -4.30 -0.48 -6.73
C VAL A 87 -2.85 -0.07 -6.82
N GLU A 88 -2.04 -0.63 -5.92
CA GLU A 88 -0.60 -0.50 -6.00
C GLU A 88 0.00 -1.88 -6.25
N ILE A 89 0.81 -1.99 -7.31
CA ILE A 89 1.52 -3.23 -7.57
C ILE A 89 2.97 -3.09 -7.16
N GLY A 90 3.69 -4.22 -7.12
CA GLY A 90 5.08 -4.24 -6.73
C GLY A 90 5.28 -4.78 -5.31
N SER A 91 6.53 -4.70 -4.80
CA SER A 91 7.65 -4.03 -5.43
C SER A 91 8.15 -4.79 -6.65
N VAL A 92 8.55 -4.03 -7.68
CA VAL A 92 9.16 -4.59 -8.88
C VAL A 92 10.65 -4.21 -8.89
N THR A 93 11.53 -5.19 -9.12
CA THR A 93 12.97 -4.93 -9.22
C THR A 93 13.37 -4.83 -10.69
N PRO A 94 14.52 -4.20 -11.04
CA PRO A 94 14.93 -4.10 -12.44
C PRO A 94 15.03 -5.45 -13.17
N LYS A 95 15.80 -6.37 -12.61
CA LYS A 95 15.96 -7.71 -13.16
C LYS A 95 15.08 -8.66 -12.36
N PRO A 96 14.61 -9.76 -12.99
CA PRO A 96 13.92 -10.81 -12.25
C PRO A 96 14.81 -11.32 -11.12
N GLN A 97 14.23 -11.66 -9.97
CA GLN A 97 14.99 -12.33 -8.93
C GLN A 97 14.02 -13.16 -8.10
N GLU A 98 14.53 -14.23 -7.51
CA GLU A 98 13.71 -15.26 -6.85
C GLU A 98 13.26 -14.84 -5.45
N GLY A 99 14.03 -13.96 -4.80
CA GLY A 99 13.78 -13.63 -3.40
C GLY A 99 14.42 -14.65 -2.45
N ASN A 100 13.98 -14.65 -1.19
CA ASN A 100 14.59 -15.49 -0.17
C ASN A 100 14.14 -16.95 -0.27
N PRO A 101 14.91 -17.90 0.27
CA PRO A 101 14.47 -19.29 0.34
C PRO A 101 13.20 -19.44 1.17
N ARG A 102 12.40 -20.46 0.82
CA ARG A 102 11.19 -20.79 1.56
C ARG A 102 11.56 -21.63 2.77
N PRO A 103 10.78 -21.61 3.87
CA PRO A 103 9.58 -20.78 3.99
C PRO A 103 9.93 -19.33 4.31
N ARG A 104 9.06 -18.40 3.86
CA ARG A 104 9.32 -16.97 3.97
C ARG A 104 8.06 -16.16 4.25
N VAL A 105 6.94 -16.82 4.55
CA VAL A 105 5.70 -16.15 4.94
C VAL A 105 5.10 -16.95 6.10
N PHE A 106 4.73 -16.25 7.17
CA PHE A 106 4.29 -16.87 8.42
C PHE A 106 3.05 -16.16 8.93
N ARG A 107 2.10 -16.94 9.44
CA ARG A 107 0.81 -16.47 9.93
C ARG A 107 0.84 -16.47 11.46
N LEU A 108 0.34 -15.40 12.08
CA LEU A 108 0.19 -15.28 13.53
C LEU A 108 -1.29 -15.03 13.80
N PRO A 109 -2.11 -16.09 13.73
CA PRO A 109 -3.57 -15.93 13.82
C PRO A 109 -4.02 -15.27 15.12
N GLU A 110 -3.38 -15.61 16.21
CA GLU A 110 -3.73 -15.08 17.51
C GLU A 110 -3.55 -13.56 17.58
N ASP A 111 -2.72 -13.02 16.69
CA ASP A 111 -2.36 -11.61 16.74
C ASP A 111 -2.97 -10.85 15.57
N GLN A 112 -3.68 -11.56 14.68
CA GLN A 112 -4.14 -11.01 13.41
C GLN A 112 -2.97 -10.35 12.66
N ALA A 113 -1.88 -11.13 12.50
CA ALA A 113 -0.63 -10.61 11.96
C ALA A 113 0.00 -11.64 11.01
N VAL A 114 0.85 -11.11 10.13
CA VAL A 114 1.71 -11.89 9.27
C VAL A 114 3.16 -11.41 9.47
N ILE A 115 4.11 -12.35 9.34
CA ILE A 115 5.50 -11.98 9.17
C ILE A 115 5.94 -12.49 7.81
N ASN A 116 6.58 -11.62 7.01
CA ASN A 116 7.11 -12.07 5.73
C ASN A 116 8.57 -11.66 5.57
N ARG A 117 9.34 -12.51 4.88
CA ARG A 117 10.67 -12.18 4.39
C ARG A 117 10.82 -12.66 2.95
N TYR A 118 9.89 -12.23 2.09
CA TYR A 118 9.90 -12.58 0.68
C TYR A 118 11.25 -12.21 0.04
N GLY A 119 11.74 -10.99 0.33
CA GLY A 119 13.01 -10.54 -0.19
C GLY A 119 12.92 -10.08 -1.64
N PHE A 120 11.79 -9.46 -2.01
CA PHE A 120 11.62 -8.83 -3.31
C PHE A 120 11.75 -9.85 -4.43
N ASN A 121 11.01 -10.95 -4.28
CA ASN A 121 10.75 -11.85 -5.40
C ASN A 121 10.03 -11.01 -6.45
N SER A 122 10.56 -11.01 -7.68
CA SER A 122 10.03 -10.11 -8.70
C SER A 122 10.23 -10.73 -10.07
N HIS A 123 9.20 -10.65 -10.91
CA HIS A 123 9.32 -11.02 -12.32
C HIS A 123 10.20 -10.02 -13.09
N GLY A 124 10.46 -8.84 -12.51
CA GLY A 124 11.32 -7.86 -13.14
C GLY A 124 10.55 -6.82 -13.96
N LEU A 125 11.18 -5.67 -14.22
CA LEU A 125 10.53 -4.55 -14.87
C LEU A 125 9.99 -4.94 -16.26
N SER A 126 10.78 -5.65 -17.04
CA SER A 126 10.41 -5.92 -18.42
C SER A 126 9.12 -6.76 -18.52
N VAL A 127 8.96 -7.77 -17.65
CA VAL A 127 7.75 -8.59 -17.64
C VAL A 127 6.57 -7.74 -17.18
N VAL A 128 6.76 -6.94 -16.12
CA VAL A 128 5.68 -6.13 -15.60
C VAL A 128 5.31 -5.04 -16.61
N GLU A 129 6.30 -4.45 -17.29
CA GLU A 129 6.05 -3.48 -18.35
C GLU A 129 5.11 -4.05 -19.41
N HIS A 130 5.38 -5.25 -19.92
CA HIS A 130 4.55 -5.87 -20.96
C HIS A 130 3.14 -6.15 -20.43
N ARG A 131 3.03 -6.61 -19.19
CA ARG A 131 1.75 -6.88 -18.56
C ARG A 131 0.90 -5.60 -18.47
N LEU A 132 1.51 -4.48 -18.07
CA LEU A 132 0.75 -3.24 -17.95
C LEU A 132 0.45 -2.65 -19.32
N ARG A 133 1.36 -2.82 -20.28
CA ARG A 133 1.10 -2.31 -21.62
C ARG A 133 -0.12 -2.99 -22.24
N ALA A 134 -0.31 -4.28 -21.92
CA ALA A 134 -1.43 -5.03 -22.48
C ALA A 134 -2.78 -4.44 -22.08
N ARG A 135 -2.83 -3.64 -21.00
CA ARG A 135 -4.10 -3.12 -20.50
C ARG A 135 -4.00 -1.61 -20.27
N GLN A 136 -3.06 -0.94 -20.96
CA GLN A 136 -2.71 0.45 -20.67
C GLN A 136 -3.92 1.37 -20.87
N GLN A 137 -4.69 1.13 -21.93
CA GLN A 137 -5.82 1.98 -22.28
C GLN A 137 -7.00 1.69 -21.37
N LYS A 138 -7.18 0.42 -20.99
CA LYS A 138 -8.17 0.12 -19.97
C LYS A 138 -7.85 0.87 -18.67
N GLN A 139 -6.56 0.94 -18.29
CA GLN A 139 -6.16 1.63 -17.08
C GLN A 139 -6.43 3.13 -17.22
N ALA A 140 -6.14 3.71 -18.40
CA ALA A 140 -6.37 5.13 -18.61
C ALA A 140 -7.85 5.47 -18.33
N LYS A 141 -8.76 4.59 -18.75
CA LYS A 141 -10.19 4.81 -18.54
C LYS A 141 -10.54 4.65 -17.06
N LEU A 142 -9.95 3.65 -16.42
CA LEU A 142 -10.17 3.43 -14.99
C LEU A 142 -9.72 4.65 -14.18
N THR A 143 -8.52 5.13 -14.49
CA THR A 143 -7.96 6.29 -13.79
C THR A 143 -8.88 7.50 -13.96
N GLU A 144 -9.34 7.70 -15.19
CA GLU A 144 -10.26 8.77 -15.51
C GLU A 144 -11.57 8.61 -14.71
N ASP A 145 -11.98 7.37 -14.44
CA ASP A 145 -13.20 7.11 -13.68
C ASP A 145 -12.94 7.06 -12.17
N GLY A 146 -11.75 7.47 -11.71
CA GLY A 146 -11.45 7.55 -10.29
C GLY A 146 -10.84 6.28 -9.69
N LEU A 147 -10.22 5.43 -10.53
CA LEU A 147 -9.55 4.21 -10.04
C LEU A 147 -8.08 4.19 -10.46
N PRO A 148 -7.19 4.97 -9.80
CA PRO A 148 -5.77 5.05 -10.18
C PRO A 148 -4.91 3.84 -9.81
N LEU A 149 -3.74 3.80 -10.46
CA LEU A 149 -2.78 2.71 -10.36
C LEU A 149 -1.43 3.27 -9.89
N GLY A 150 -0.90 2.63 -8.85
CA GLY A 150 0.43 2.91 -8.36
C GLY A 150 1.32 1.71 -8.61
N VAL A 151 2.62 2.01 -8.75
CA VAL A 151 3.68 1.05 -8.96
C VAL A 151 4.79 1.31 -7.96
N ASN A 152 5.10 0.28 -7.18
CA ASN A 152 6.13 0.32 -6.17
C ASN A 152 7.42 -0.27 -6.75
N LEU A 153 8.49 0.53 -6.72
CA LEU A 153 9.76 0.17 -7.33
C LEU A 153 10.75 -0.30 -6.26
N GLY A 154 11.37 -1.45 -6.50
CA GLY A 154 12.42 -1.94 -5.63
C GLY A 154 13.78 -1.97 -6.31
N LYS A 155 14.73 -2.61 -5.63
CA LYS A 155 16.09 -2.76 -6.13
C LYS A 155 16.50 -4.22 -6.00
N ASN A 156 17.38 -4.63 -6.91
CA ASN A 156 17.91 -5.99 -6.91
C ASN A 156 18.87 -6.17 -5.73
N LYS A 157 18.91 -7.40 -5.24
CA LYS A 157 19.78 -7.83 -4.15
C LYS A 157 21.25 -7.46 -4.43
N THR A 158 21.73 -7.62 -5.67
CA THR A 158 23.14 -7.47 -5.97
C THR A 158 23.49 -6.04 -6.41
N SER A 159 22.50 -5.14 -6.46
CA SER A 159 22.70 -3.79 -6.93
C SER A 159 23.84 -3.08 -6.19
N VAL A 160 24.69 -2.41 -6.96
CA VAL A 160 25.82 -1.67 -6.41
C VAL A 160 25.50 -0.18 -6.33
N ASP A 161 24.28 0.21 -6.72
CA ASP A 161 23.85 1.60 -6.63
C ASP A 161 22.34 1.67 -6.77
N ALA A 162 21.70 1.88 -5.63
CA ALA A 162 20.25 1.87 -5.49
C ALA A 162 19.62 2.89 -6.44
N ALA A 163 20.21 4.10 -6.51
CA ALA A 163 19.66 5.16 -7.33
C ALA A 163 19.47 4.72 -8.78
N GLU A 164 20.39 3.90 -9.32
CA GLU A 164 20.25 3.49 -10.71
C GLU A 164 19.10 2.50 -10.84
N ASP A 165 18.96 1.55 -9.90
CA ASP A 165 17.83 0.62 -9.90
C ASP A 165 16.53 1.41 -9.93
N TYR A 166 16.39 2.42 -9.06
CA TYR A 166 15.14 3.14 -8.98
C TYR A 166 14.95 3.97 -10.26
N ALA A 167 16.03 4.56 -10.78
CA ALA A 167 15.96 5.35 -12.01
C ALA A 167 15.40 4.49 -13.16
N GLU A 168 15.88 3.24 -13.26
CA GLU A 168 15.44 2.30 -14.28
C GLU A 168 13.94 2.06 -14.14
N GLY A 169 13.46 1.88 -12.90
CA GLY A 169 12.05 1.66 -12.64
C GLY A 169 11.19 2.85 -13.07
N VAL A 170 11.67 4.06 -12.80
CA VAL A 170 10.98 5.27 -13.24
C VAL A 170 10.88 5.27 -14.77
N ARG A 171 11.98 4.99 -15.46
CA ARG A 171 12.01 5.05 -16.92
C ARG A 171 11.05 4.02 -17.52
N VAL A 172 11.02 2.81 -16.95
CA VAL A 172 10.30 1.69 -17.54
C VAL A 172 8.83 1.69 -17.14
N LEU A 173 8.52 1.87 -15.84
CA LEU A 173 7.14 1.73 -15.39
C LEU A 173 6.49 3.08 -15.05
N GLY A 174 7.30 4.15 -14.96
CA GLY A 174 6.76 5.48 -14.72
C GLY A 174 5.71 5.88 -15.75
N PRO A 175 5.95 5.62 -17.04
CA PRO A 175 4.96 5.94 -18.08
C PRO A 175 3.64 5.17 -17.99
N LEU A 176 3.58 4.16 -17.14
CA LEU A 176 2.39 3.31 -17.05
C LEU A 176 1.69 3.48 -15.71
N ALA A 177 2.15 4.43 -14.88
CA ALA A 177 1.67 4.54 -13.52
C ALA A 177 1.09 5.92 -13.27
N ASP A 178 0.11 5.99 -12.36
CA ASP A 178 -0.38 7.26 -11.87
C ASP A 178 0.54 7.80 -10.79
N TYR A 179 1.08 6.89 -9.96
CA TYR A 179 2.09 7.26 -9.00
C TYR A 179 3.11 6.13 -8.93
N LEU A 180 4.34 6.53 -8.58
CA LEU A 180 5.42 5.61 -8.28
C LEU A 180 5.76 5.71 -6.79
N VAL A 181 6.26 4.59 -6.25
CA VAL A 181 6.70 4.57 -4.83
C VAL A 181 8.15 4.10 -4.74
N VAL A 182 8.98 4.82 -4.01
CA VAL A 182 10.37 4.38 -3.75
C VAL A 182 10.40 3.98 -2.27
N ASN A 183 10.70 2.73 -2.01
CA ASN A 183 10.71 2.25 -0.61
C ASN A 183 12.05 2.54 0.07
N VAL A 184 12.03 3.40 1.06
CA VAL A 184 13.20 3.57 1.93
C VAL A 184 12.77 2.75 3.14
N SER A 185 12.07 1.61 2.91
CA SER A 185 11.39 0.92 4.05
C SER A 185 11.49 -0.62 4.16
N SER A 186 11.64 -1.33 3.04
CA SER A 186 11.66 -2.80 3.03
C SER A 186 12.40 -3.43 4.21
N PRO A 187 11.76 -4.34 4.98
CA PRO A 187 12.42 -5.01 6.08
C PRO A 187 13.49 -5.99 5.57
N GLY A 197 22.95 8.69 5.02
CA GLY A 197 22.80 10.08 5.46
C GLY A 197 21.68 10.79 4.72
N LYS A 198 21.20 11.89 5.26
CA LYS A 198 20.15 12.69 4.58
C LYS A 198 20.68 13.05 3.20
N ALA A 199 22.01 13.18 3.06
CA ALA A 199 22.65 13.57 1.81
C ALA A 199 22.51 12.45 0.78
N GLU A 200 22.52 11.18 1.23
CA GLU A 200 22.32 10.04 0.35
C GLU A 200 20.86 9.91 -0.06
N LEU A 201 19.94 10.18 0.88
CA LEU A 201 18.53 10.16 0.54
C LEU A 201 18.21 11.31 -0.44
N ARG A 202 18.85 12.46 -0.25
CA ARG A 202 18.63 13.61 -1.12
C ARG A 202 19.14 13.28 -2.52
N ARG A 203 20.33 12.70 -2.60
CA ARG A 203 20.94 12.29 -3.86
C ARG A 203 20.02 11.33 -4.60
N LEU A 204 19.50 10.34 -3.87
CA LEU A 204 18.71 9.27 -4.44
C LEU A 204 17.39 9.83 -4.96
N LEU A 205 16.72 10.66 -4.15
CA LEU A 205 15.42 11.18 -4.54
C LEU A 205 15.57 12.27 -5.61
N THR A 206 16.66 13.04 -5.58
CA THR A 206 16.95 13.99 -6.63
C THR A 206 17.00 13.28 -7.99
N LYS A 207 17.72 12.15 -8.04
CA LYS A 207 17.88 11.37 -9.25
C LYS A 207 16.53 10.82 -9.72
N VAL A 208 15.71 10.33 -8.79
CA VAL A 208 14.40 9.79 -9.11
C VAL A 208 13.49 10.86 -9.71
N LEU A 209 13.46 12.04 -9.10
CA LEU A 209 12.62 13.15 -9.55
C LEU A 209 13.09 13.66 -10.91
N GLN A 210 14.41 13.71 -11.14
CA GLN A 210 14.94 14.15 -12.42
C GLN A 210 14.46 13.19 -13.53
N GLU A 211 14.56 11.89 -13.26
CA GLU A 211 14.12 10.88 -14.22
C GLU A 211 12.62 11.01 -14.50
N ARG A 212 11.83 11.20 -13.45
CA ARG A 212 10.39 11.40 -13.55
C ARG A 212 10.08 12.64 -14.40
N ASP A 213 10.78 13.76 -14.13
CA ASP A 213 10.54 15.01 -14.83
C ASP A 213 10.90 14.90 -16.31
N GLY A 214 11.77 13.94 -16.66
CA GLY A 214 12.16 13.71 -18.03
C GLY A 214 11.13 12.91 -18.85
N LEU A 215 10.06 12.41 -18.21
CA LEU A 215 8.98 11.73 -18.93
C LEU A 215 8.01 12.76 -19.53
N ARG A 216 7.44 12.45 -20.71
CA ARG A 216 6.42 13.25 -21.36
C ARG A 216 5.22 13.46 -20.44
N ARG A 217 4.58 14.64 -20.55
CA ARG A 217 3.67 15.14 -19.52
C ARG A 217 2.51 14.17 -19.26
N VAL A 218 1.93 13.54 -20.31
CA VAL A 218 0.81 12.64 -20.07
C VAL A 218 1.31 11.33 -19.44
N HIS A 219 2.62 11.10 -19.42
CA HIS A 219 3.18 9.88 -18.85
C HIS A 219 4.00 10.15 -17.59
N ARG A 220 3.72 11.26 -16.93
CA ARG A 220 4.55 11.73 -15.83
C ARG A 220 3.84 11.47 -14.49
N PRO A 221 4.26 10.47 -13.69
CA PRO A 221 3.56 10.14 -12.45
C PRO A 221 4.00 10.98 -11.25
N ALA A 222 3.13 10.99 -10.21
CA ALA A 222 3.50 11.45 -8.89
C ALA A 222 4.56 10.49 -8.32
N VAL A 223 5.45 11.02 -7.47
CA VAL A 223 6.44 10.19 -6.80
C VAL A 223 6.24 10.28 -5.28
N LEU A 224 6.11 9.09 -4.66
CA LEU A 224 5.96 9.02 -3.21
C LEU A 224 7.09 8.19 -2.62
N VAL A 225 7.37 8.43 -1.34
CA VAL A 225 8.37 7.68 -0.59
C VAL A 225 7.64 6.88 0.48
N LYS A 226 7.95 5.59 0.58
CA LYS A 226 7.33 4.70 1.55
C LYS A 226 8.35 4.40 2.64
N ILE A 227 7.92 4.60 3.89
CA ILE A 227 8.86 4.52 5.00
C ILE A 227 8.43 3.40 5.93
N ALA A 228 9.41 2.92 6.68
CA ALA A 228 9.19 1.95 7.74
C ALA A 228 8.65 2.68 8.97
N PRO A 229 8.05 1.95 9.92
CA PRO A 229 7.72 2.50 11.22
C PRO A 229 8.91 2.47 12.19
N ASP A 230 10.07 1.97 11.74
CA ASP A 230 11.15 1.68 12.67
C ASP A 230 12.20 2.79 12.71
N LEU A 231 11.89 3.94 12.13
CA LEU A 231 12.81 5.05 11.99
C LEU A 231 12.98 5.78 13.32
N THR A 232 14.18 6.32 13.57
CA THR A 232 14.38 7.23 14.70
C THR A 232 13.70 8.57 14.40
N SER A 233 13.61 9.38 15.45
CA SER A 233 13.15 10.76 15.36
C SER A 233 13.99 11.54 14.34
N GLN A 234 15.32 11.32 14.38
CA GLN A 234 16.25 12.00 13.48
C GLN A 234 15.94 11.60 12.04
N ASP A 235 15.70 10.31 11.78
CA ASP A 235 15.41 9.83 10.45
C ASP A 235 14.13 10.47 9.91
N LYS A 236 13.11 10.57 10.76
CA LYS A 236 11.84 11.11 10.34
C LYS A 236 11.96 12.61 10.04
N GLU A 237 12.71 13.33 10.88
CA GLU A 237 12.94 14.74 10.67
C GLU A 237 13.66 14.95 9.34
N ASP A 238 14.64 14.08 9.08
CA ASP A 238 15.49 14.17 7.91
C ASP A 238 14.65 13.88 6.66
N ILE A 239 13.79 12.85 6.71
CA ILE A 239 12.94 12.51 5.59
C ILE A 239 11.95 13.65 5.27
N ALA A 240 11.33 14.21 6.31
CA ALA A 240 10.36 15.29 6.11
C ALA A 240 11.05 16.46 5.43
N SER A 241 12.27 16.77 5.87
CA SER A 241 13.03 17.90 5.37
C SER A 241 13.32 17.72 3.87
N VAL A 242 13.80 16.53 3.50
CA VAL A 242 14.20 16.27 2.13
C VAL A 242 12.96 16.25 1.24
N VAL A 243 11.88 15.64 1.72
CA VAL A 243 10.63 15.58 0.99
C VAL A 243 10.14 16.98 0.63
N LYS A 244 10.16 17.91 1.59
CA LYS A 244 9.74 19.28 1.31
C LYS A 244 10.73 20.01 0.42
N GLU A 245 12.04 19.82 0.68
CA GLU A 245 13.06 20.51 -0.09
C GLU A 245 12.91 20.16 -1.57
N LEU A 246 12.66 18.88 -1.88
CA LEU A 246 12.73 18.40 -3.26
C LEU A 246 11.36 18.41 -3.93
N GLY A 247 10.28 18.58 -3.17
CA GLY A 247 8.95 18.57 -3.76
C GLY A 247 8.47 17.15 -4.08
N ILE A 248 8.84 16.17 -3.27
CA ILE A 248 8.25 14.84 -3.34
C ILE A 248 6.73 15.00 -3.19
N ASP A 249 5.96 14.20 -3.92
CA ASP A 249 4.51 14.39 -4.01
C ASP A 249 3.74 13.80 -2.83
N GLY A 250 4.31 12.78 -2.17
CA GLY A 250 3.61 12.16 -1.07
C GLY A 250 4.47 11.12 -0.34
N LEU A 251 3.91 10.62 0.76
CA LEU A 251 4.50 9.60 1.61
C LEU A 251 3.53 8.44 1.79
N ILE A 252 4.07 7.22 1.84
CA ILE A 252 3.30 6.07 2.26
C ILE A 252 3.87 5.60 3.60
N VAL A 253 2.97 5.51 4.58
CA VAL A 253 3.30 5.40 5.99
C VAL A 253 2.33 4.36 6.54
N THR A 254 2.74 3.08 6.74
CA THR A 254 4.10 2.56 6.75
C THR A 254 4.20 1.19 6.09
N ASN A 255 5.45 0.77 5.90
CA ASN A 255 5.81 -0.60 5.60
C ASN A 255 5.66 -1.45 6.87
N THR A 256 6.09 -2.71 6.79
CA THR A 256 6.08 -3.62 7.93
C THR A 256 7.15 -3.23 8.95
N THR A 257 7.01 -3.73 10.17
CA THR A 257 7.96 -3.45 11.23
C THR A 257 8.87 -4.66 11.47
N VAL A 258 10.15 -4.35 11.72
CA VAL A 258 11.12 -5.33 12.17
C VAL A 258 11.11 -5.39 13.70
N SER A 259 10.29 -4.57 14.38
CA SER A 259 10.10 -4.72 15.81
C SER A 259 9.13 -5.87 16.07
N ARG A 260 9.09 -6.30 17.32
CA ARG A 260 8.15 -7.28 17.79
C ARG A 260 7.52 -6.71 19.05
N PRO A 261 6.38 -6.00 18.92
CA PRO A 261 5.72 -5.41 20.07
C PRO A 261 5.51 -6.47 21.14
N ALA A 262 5.68 -6.05 22.39
CA ALA A 262 5.33 -6.87 23.53
C ALA A 262 3.89 -7.37 23.34
N GLY A 263 3.64 -8.62 23.70
CA GLY A 263 2.29 -9.15 23.70
C GLY A 263 1.93 -10.06 22.52
N LEU A 264 2.79 -10.18 21.51
CA LEU A 264 2.56 -11.13 20.43
C LEU A 264 2.48 -12.55 21.01
N GLN A 265 1.46 -13.30 20.57
CA GLN A 265 1.19 -14.64 21.08
C GLN A 265 1.52 -15.73 20.06
N GLY A 266 1.51 -15.40 18.78
CA GLY A 266 1.73 -16.42 17.75
C GLY A 266 3.05 -17.15 17.97
N ALA A 267 3.03 -18.46 17.71
CA ALA A 267 4.19 -19.32 17.87
C ALA A 267 5.36 -18.84 17.02
N LEU A 268 5.07 -18.19 15.88
CA LEU A 268 6.07 -17.81 14.90
C LEU A 268 6.55 -16.36 15.07
N ARG A 269 6.30 -15.77 16.22
CA ARG A 269 6.59 -14.35 16.46
C ARG A 269 8.07 -14.01 16.29
N SER A 270 8.97 -14.98 16.46
CA SER A 270 10.42 -14.72 16.42
C SER A 270 11.01 -15.05 15.06
N GLU A 271 10.17 -15.32 14.04
CA GLU A 271 10.66 -15.44 12.68
C GLU A 271 11.19 -14.09 12.21
N THR A 272 12.30 -14.12 11.46
CA THR A 272 12.86 -12.95 10.80
C THR A 272 11.88 -12.44 9.76
N GLY A 273 11.72 -11.11 9.72
CA GLY A 273 10.95 -10.49 8.66
C GLY A 273 10.14 -9.28 9.13
N GLY A 274 9.30 -8.80 8.23
CA GLY A 274 8.44 -7.67 8.50
C GLY A 274 7.09 -8.14 9.02
N LEU A 275 6.67 -7.56 10.15
CA LEU A 275 5.39 -7.86 10.77
C LEU A 275 4.34 -6.85 10.31
N SER A 276 3.18 -7.39 9.93
CA SER A 276 2.06 -6.63 9.40
C SER A 276 0.84 -6.93 10.25
N GLY A 277 -0.23 -6.17 10.02
CA GLY A 277 -1.50 -6.45 10.65
C GLY A 277 -1.70 -5.68 11.96
N LYS A 278 -2.55 -6.22 12.82
CA LYS A 278 -3.04 -5.48 13.98
C LYS A 278 -1.90 -4.99 14.87
N PRO A 279 -0.81 -5.74 15.11
CA PRO A 279 0.24 -5.25 15.99
C PRO A 279 1.01 -4.04 15.45
N LEU A 280 0.85 -3.76 14.15
CA LEU A 280 1.48 -2.64 13.47
C LEU A 280 0.55 -1.42 13.48
N ARG A 281 -0.73 -1.63 13.78
CA ARG A 281 -1.73 -0.62 13.44
C ARG A 281 -1.40 0.75 14.05
N ASP A 282 -1.28 0.82 15.39
CA ASP A 282 -1.13 2.10 16.07
C ASP A 282 0.27 2.70 15.90
N LEU A 283 1.30 1.86 15.81
CA LEU A 283 2.64 2.31 15.42
C LEU A 283 2.61 3.06 14.08
N SER A 284 1.85 2.53 13.11
CA SER A 284 1.68 3.13 11.80
C SER A 284 0.91 4.46 11.89
N THR A 285 -0.18 4.47 12.66
CA THR A 285 -0.98 5.66 12.84
C THR A 285 -0.13 6.78 13.47
N GLN A 286 0.69 6.43 14.46
CA GLN A 286 1.52 7.43 15.12
C GLN A 286 2.56 7.98 14.16
N THR A 287 3.09 7.13 13.28
CA THR A 287 4.05 7.58 12.29
C THR A 287 3.38 8.55 11.30
N ILE A 288 2.13 8.27 10.91
CA ILE A 288 1.36 9.17 10.08
C ILE A 288 1.23 10.52 10.79
N ARG A 289 0.86 10.47 12.08
CA ARG A 289 0.62 11.67 12.85
C ARG A 289 1.89 12.53 12.85
N GLU A 290 3.04 11.90 13.09
CA GLU A 290 4.30 12.61 13.13
C GLU A 290 4.67 13.19 11.76
N MET A 291 4.54 12.41 10.69
CA MET A 291 5.00 12.86 9.38
C MET A 291 4.08 13.99 8.85
N TYR A 292 2.78 13.94 9.19
CA TYR A 292 1.86 15.01 8.85
C TYR A 292 2.33 16.31 9.51
N ALA A 293 2.66 16.25 10.81
CA ALA A 293 3.08 17.44 11.54
C ALA A 293 4.41 17.98 10.99
N LEU A 294 5.38 17.09 10.73
CA LEU A 294 6.69 17.51 10.24
C LEU A 294 6.61 18.12 8.83
N THR A 295 5.54 17.81 8.08
CA THR A 295 5.38 18.35 6.74
C THR A 295 4.28 19.42 6.69
N GLN A 296 3.82 19.86 7.86
CA GLN A 296 2.82 20.93 8.01
C GLN A 296 1.53 20.59 7.26
N GLY A 297 1.19 19.31 7.13
CA GLY A 297 0.00 18.89 6.42
C GLY A 297 0.00 19.19 4.93
N ARG A 298 1.16 19.52 4.34
CA ARG A 298 1.24 19.91 2.94
C ARG A 298 1.64 18.76 2.02
N VAL A 299 1.93 17.58 2.60
CA VAL A 299 2.41 16.46 1.80
C VAL A 299 1.42 15.33 1.95
N PRO A 300 0.68 14.94 0.89
CA PRO A 300 -0.28 13.83 0.99
C PRO A 300 0.35 12.57 1.59
N ILE A 301 -0.40 11.88 2.48
CA ILE A 301 0.03 10.62 3.07
C ILE A 301 -1.01 9.55 2.75
N ILE A 302 -0.50 8.42 2.30
CA ILE A 302 -1.26 7.19 2.22
C ILE A 302 -0.93 6.37 3.46
N GLY A 303 -1.97 6.12 4.26
CA GLY A 303 -1.82 5.49 5.56
C GLY A 303 -2.03 3.98 5.45
N VAL A 304 -1.12 3.19 6.03
CA VAL A 304 -1.18 1.74 5.88
C VAL A 304 -0.54 1.07 7.09
N GLY A 305 -1.19 -0.04 7.50
CA GLY A 305 -0.78 -0.84 8.62
C GLY A 305 -1.94 -1.18 9.55
N GLY A 306 -2.37 -2.45 9.49
CA GLY A 306 -3.35 -3.00 10.39
C GLY A 306 -4.75 -2.40 10.25
N VAL A 307 -5.12 -1.95 9.05
CA VAL A 307 -6.48 -1.50 8.83
C VAL A 307 -7.37 -2.71 8.54
N SER A 308 -8.45 -2.88 9.34
CA SER A 308 -9.46 -3.88 9.00
C SER A 308 -10.89 -3.40 9.28
N SER A 309 -11.08 -2.11 9.61
CA SER A 309 -12.39 -1.58 9.91
C SER A 309 -12.44 -0.11 9.53
N GLY A 310 -13.65 0.42 9.44
CA GLY A 310 -13.87 1.85 9.29
C GLY A 310 -13.14 2.66 10.36
N GLN A 311 -13.20 2.18 11.62
CA GLN A 311 -12.57 2.91 12.71
C GLN A 311 -11.07 3.01 12.45
N ASP A 312 -10.45 1.90 12.04
CA ASP A 312 -9.03 1.88 11.74
C ASP A 312 -8.70 2.90 10.65
N ALA A 313 -9.52 2.93 9.59
CA ALA A 313 -9.26 3.80 8.44
C ALA A 313 -9.39 5.26 8.86
N LEU A 314 -10.45 5.55 9.59
CA LEU A 314 -10.71 6.92 10.01
C LEU A 314 -9.63 7.42 10.98
N GLU A 315 -9.09 6.55 11.82
CA GLU A 315 -8.03 6.98 12.73
C GLU A 315 -6.81 7.43 11.91
N LYS A 316 -6.51 6.74 10.82
CA LYS A 316 -5.38 7.13 9.99
C LYS A 316 -5.68 8.41 9.22
N ILE A 317 -6.90 8.56 8.71
CA ILE A 317 -7.30 9.76 8.00
C ILE A 317 -7.21 10.96 8.94
N ARG A 318 -7.82 10.86 10.13
CA ARG A 318 -7.80 11.95 11.09
C ARG A 318 -6.37 12.28 11.56
N ALA A 319 -5.48 11.28 11.59
CA ALA A 319 -4.07 11.46 11.93
C ALA A 319 -3.30 12.18 10.81
N GLY A 320 -3.83 12.15 9.57
CA GLY A 320 -3.24 12.89 8.46
C GLY A 320 -3.26 12.18 7.11
N ALA A 321 -3.83 10.96 7.02
CA ALA A 321 -3.84 10.26 5.74
C ALA A 321 -4.97 10.76 4.85
N SER A 322 -4.65 10.97 3.55
CA SER A 322 -5.62 11.30 2.52
C SER A 322 -6.26 10.03 1.98
N LEU A 323 -5.50 8.93 2.01
CA LEU A 323 -5.91 7.64 1.49
C LEU A 323 -5.40 6.56 2.44
N VAL A 324 -5.94 5.36 2.38
CA VAL A 324 -5.39 4.26 3.18
C VAL A 324 -5.22 3.05 2.29
N GLN A 325 -4.37 2.12 2.74
CA GLN A 325 -4.29 0.81 2.11
C GLN A 325 -4.40 -0.29 3.16
N LEU A 326 -4.70 -1.50 2.69
CA LEU A 326 -4.60 -2.67 3.53
C LEU A 326 -4.10 -3.85 2.70
N TYR A 327 -3.55 -4.83 3.42
CA TYR A 327 -3.26 -6.14 2.87
C TYR A 327 -3.65 -7.21 3.90
N THR A 328 -3.00 -7.22 5.08
CA THR A 328 -3.16 -8.34 6.00
C THR A 328 -4.64 -8.67 6.29
N ALA A 329 -5.49 -7.66 6.46
CA ALA A 329 -6.89 -7.94 6.78
C ALA A 329 -7.57 -8.79 5.69
N LEU A 330 -7.15 -8.61 4.44
CA LEU A 330 -7.70 -9.38 3.34
C LEU A 330 -7.43 -10.87 3.53
N THR A 331 -6.29 -11.23 4.16
CA THR A 331 -5.93 -12.63 4.31
C THR A 331 -6.85 -13.34 5.32
N PHE A 332 -7.33 -12.60 6.33
CA PHE A 332 -8.18 -13.17 7.37
C PHE A 332 -9.66 -13.07 6.99
N TRP A 333 -10.10 -11.93 6.45
CA TRP A 333 -11.51 -11.66 6.22
C TRP A 333 -11.91 -12.00 4.77
N GLY A 334 -10.96 -12.03 3.85
CA GLY A 334 -11.29 -12.23 2.45
C GLY A 334 -11.84 -10.96 1.79
N PRO A 335 -12.28 -11.04 0.52
CA PRO A 335 -12.78 -9.87 -0.22
C PRO A 335 -13.85 -9.02 0.45
N PRO A 336 -14.79 -9.58 1.25
CA PRO A 336 -15.79 -8.72 1.90
C PRO A 336 -15.22 -7.62 2.79
N VAL A 337 -13.93 -7.70 3.16
CA VAL A 337 -13.35 -6.71 4.06
C VAL A 337 -13.34 -5.32 3.43
N VAL A 338 -13.26 -5.26 2.09
CA VAL A 338 -13.13 -3.99 1.39
C VAL A 338 -14.41 -3.18 1.57
N GLY A 339 -15.56 -3.81 1.23
CA GLY A 339 -16.87 -3.20 1.40
C GLY A 339 -17.16 -2.88 2.88
N LYS A 340 -16.72 -3.78 3.76
CA LYS A 340 -16.87 -3.57 5.19
C LYS A 340 -16.20 -2.26 5.61
N VAL A 341 -14.93 -2.07 5.24
CA VAL A 341 -14.21 -0.88 5.67
C VAL A 341 -14.87 0.37 5.11
N LYS A 342 -15.27 0.34 3.83
CA LYS A 342 -15.89 1.49 3.17
C LYS A 342 -17.21 1.88 3.85
N ARG A 343 -18.05 0.88 4.16
CA ARG A 343 -19.36 1.12 4.72
C ARG A 343 -19.24 1.68 6.14
N GLU A 344 -18.33 1.10 6.94
CA GLU A 344 -18.11 1.55 8.31
C GLU A 344 -17.50 2.95 8.31
N LEU A 345 -16.59 3.23 7.38
CA LEU A 345 -15.96 4.55 7.26
C LEU A 345 -17.01 5.62 6.95
N GLU A 346 -17.88 5.33 5.98
CA GLU A 346 -18.99 6.22 5.67
C GLU A 346 -19.87 6.49 6.90
N ALA A 347 -20.27 5.45 7.63
CA ALA A 347 -21.13 5.63 8.81
C ALA A 347 -20.44 6.51 9.86
N LEU A 348 -19.15 6.23 10.12
CA LEU A 348 -18.39 6.99 11.11
C LEU A 348 -18.25 8.45 10.68
N LEU A 349 -18.01 8.70 9.39
CA LEU A 349 -17.91 10.08 8.90
C LEU A 349 -19.20 10.84 9.19
N LYS A 350 -20.35 10.21 8.94
CA LYS A 350 -21.63 10.82 9.25
C LYS A 350 -21.77 11.06 10.76
N GLU A 351 -21.49 10.03 11.56
CA GLU A 351 -21.65 10.13 13.00
C GLU A 351 -20.82 11.29 13.56
N GLN A 352 -19.63 11.55 13.01
CA GLN A 352 -18.71 12.52 13.58
C GLN A 352 -18.89 13.89 12.94
N GLY A 353 -19.80 14.04 11.98
CA GLY A 353 -20.16 15.35 11.45
C GLY A 353 -19.30 15.82 10.27
N PHE A 354 -18.59 14.89 9.61
CA PHE A 354 -17.81 15.24 8.44
C PHE A 354 -18.67 15.18 7.18
N GLY A 355 -18.48 16.15 6.29
CA GLY A 355 -19.13 16.16 4.99
C GLY A 355 -18.66 15.02 4.09
N GLY A 356 -17.42 14.59 4.29
CA GLY A 356 -16.83 13.51 3.50
C GLY A 356 -15.42 13.23 4.02
N VAL A 357 -14.72 12.31 3.35
CA VAL A 357 -13.36 11.96 3.76
C VAL A 357 -12.48 13.21 3.79
N THR A 358 -12.64 14.09 2.81
CA THR A 358 -11.74 15.23 2.65
C THR A 358 -11.70 16.07 3.92
N ASP A 359 -12.87 16.28 4.54
CA ASP A 359 -12.97 17.13 5.71
C ASP A 359 -12.30 16.51 6.92
N ALA A 360 -12.09 15.19 6.91
CA ALA A 360 -11.57 14.49 8.06
C ALA A 360 -10.04 14.40 8.00
N ILE A 361 -9.42 14.66 6.83
CA ILE A 361 -7.98 14.46 6.69
C ILE A 361 -7.26 15.43 7.65
N GLY A 362 -6.51 14.87 8.59
CA GLY A 362 -5.73 15.68 9.52
C GLY A 362 -6.55 16.33 10.64
N ALA A 363 -7.82 15.90 10.81
CA ALA A 363 -8.71 16.60 11.73
C ALA A 363 -8.19 16.58 13.16
N ASP A 364 -7.40 15.57 13.54
CA ASP A 364 -6.92 15.49 14.91
C ASP A 364 -5.96 16.64 15.21
N HIS A 365 -5.30 17.19 14.17
CA HIS A 365 -4.28 18.22 14.34
C HIS A 365 -4.92 19.59 14.51
N ARG A 366 -6.20 19.69 14.21
CA ARG A 366 -6.96 20.96 14.37
C ARG A 366 -7.66 20.94 15.73
N ARG A 367 -7.46 19.87 16.51
CA ARG A 367 -8.07 19.73 17.86
C ARG A 367 -7.07 20.20 18.92
S SO4 B . 2.22 10.64 -25.65
O1 SO4 B . 3.38 10.84 -24.82
O2 SO4 B . 1.68 9.33 -25.45
O3 SO4 B . 1.23 11.62 -25.31
O4 SO4 B . 2.62 10.80 -27.03
C5 9DJ C . -0.07 -13.62 2.63
C6 9DJ C . -0.45 -14.50 3.62
C7 9DJ C . -2.08 -16.11 4.61
C13 9DJ C . -6.20 -17.04 1.96
C15 9DJ C . -7.32 -17.65 -0.15
C17 9DJ C . -7.05 -15.18 0.50
C20 9DJ C . -8.34 -13.51 -0.68
C21 9DJ C . -7.40 -13.85 0.27
C24 9DJ C . -11.14 -14.91 -2.45
C26 9DJ C . -12.91 -15.95 -3.74
C28 9DJ C . -12.83 -16.26 -1.37
O9 9DJ C . -1.35 -16.16 5.62
O8 9DJ C . -3.13 -16.83 4.44
C1 9DJ C . -1.68 -15.14 3.52
N4 9DJ C . -0.81 -13.32 1.57
C3 9DJ C . -1.99 -13.93 1.47
C2 9DJ C . -2.49 -14.84 2.41
N10 9DJ C . -3.72 -15.39 2.27
C11 9DJ C . -4.65 -15.16 1.20
C12 9DJ C . -6.08 -15.56 1.59
C19 9DJ C . -8.94 -14.51 -1.44
C18 9DJ C . -8.60 -15.83 -1.23
C16 9DJ C . -7.66 -16.19 -0.28
C14 9DJ C . -6.15 -17.94 0.71
N22 9DJ C . -9.89 -14.21 -2.42
C23 9DJ C . -9.45 -13.36 -3.51
C29 9DJ C . -11.68 -15.47 -1.30
C27 9DJ C . -13.43 -16.50 -2.59
C25 9DJ C . -11.77 -15.15 -3.68
C ACT D . -3.17 6.08 17.78
O ACT D . -4.40 6.33 17.66
OXT ACT D . -2.43 5.86 16.84
CH3 ACT D . -2.51 6.09 19.17
S SO4 E . 1.23 -13.20 -18.45
O1 SO4 E . 0.80 -13.50 -19.80
O2 SO4 E . 0.33 -13.86 -17.52
O3 SO4 E . 2.57 -13.68 -18.24
O4 SO4 E . 1.17 -11.78 -18.24
S SO4 F . 21.63 19.20 5.70
O1 SO4 F . 22.10 18.08 4.92
O2 SO4 F . 21.26 18.75 7.02
O3 SO4 F . 22.66 20.19 5.81
O4 SO4 F . 20.48 19.79 5.06
N1 ORO G . 8.18 -7.35 2.24
C2 ORO G . 7.59 -6.38 3.01
O2 ORO G . 6.91 -6.63 3.99
N3 ORO G . 7.83 -5.09 2.61
C4 ORO G . 8.60 -4.68 1.55
O4 ORO G . 8.73 -3.48 1.32
C5 ORO G . 9.18 -5.75 0.78
C6 ORO G . 8.95 -7.06 1.15
C7 ORO G . 9.52 -8.23 0.44
O71 ORO G . 10.06 -9.08 1.12
O72 ORO G . 9.40 -8.24 -0.78
N1 FMN H . 5.42 -3.41 0.78
C2 FMN H . 6.13 -2.96 -0.26
O2 FMN H . 6.36 -1.73 -0.40
N3 FMN H . 6.62 -3.83 -1.23
C4 FMN H . 6.40 -5.19 -1.17
O4 FMN H . 6.85 -5.90 -2.06
C4A FMN H . 5.67 -5.71 -0.04
N5 FMN H . 5.48 -7.03 0.09
C5A FMN H . 4.71 -7.46 1.14
C6 FMN H . 4.43 -8.83 1.28
C7 FMN H . 3.60 -9.31 2.27
C7M FMN H . 3.28 -10.78 2.38
C8 FMN H . 3.07 -8.40 3.21
C8M FMN H . 2.14 -8.87 4.31
C9 FMN H . 3.38 -7.06 3.13
C9A FMN H . 4.17 -6.55 2.09
N10 FMN H . 4.46 -5.19 1.97
C10 FMN H . 5.21 -4.72 0.90
C1' FMN H . 3.96 -4.24 2.97
C2' FMN H . 2.52 -3.80 2.75
O2' FMN H . 2.47 -3.04 1.55
C3' FMN H . 2.08 -2.92 3.94
O3' FMN H . 2.96 -1.76 4.02
C4' FMN H . 2.11 -3.63 5.30
O4' FMN H . 1.83 -5.02 5.15
C5' FMN H . 1.15 -3.02 6.29
O5' FMN H . -0.23 -3.11 5.88
P FMN H . -1.18 -4.31 6.47
O1P FMN H . -0.71 -5.62 5.80
O2P FMN H . -2.55 -3.88 6.04
O3P FMN H . -1.03 -4.29 7.98
#